data_6VUW
#
_entry.id   6VUW
#
_cell.length_a   174.996
_cell.length_b   174.996
_cell.length_c   123.716
_cell.angle_alpha   90.000
_cell.angle_beta   90.000
_cell.angle_gamma   120.000
#
_symmetry.space_group_name_H-M   'H 3 2'
#
loop_
_entity.id
_entity.type
_entity.pdbx_description
1 polymer 'N-acetyltransferase Eis'
2 non-polymer (7R)-7-methyl-2-({[(3R)-1-methylpiperidin-3-yl]methyl}sulfanyl)-5,6,7,8-tetrahydro[1]benzothieno[2,3-d]pyrimidin-4-amine
3 non-polymer GLYCEROL
4 non-polymer 'SULFATE ION'
5 non-polymer 'SODIUM ION'
6 water water
#
_entity_poly.entity_id   1
_entity_poly.type   'polypeptide(L)'
_entity_poly.pdbx_seq_one_letter_code
;MGSSHHHHHHSSGLVPRGSHMTVTLCSPTEDDWPGMFLLAAASFTDFIGPESATAWRTLVPTDGAVVVRDGAGPGSEVVG
MALYMDLRLTVPGEVVLPTAGLSFVAVAPTHRRRGLLRAMCAELHRRIADSGYPVAALHASEGGIYGRFGYGPATTLHEL
TVDRRFARFHADAPGGGLGGSSVRLVRPTEHRGEFEAIYERWRQQVPGGLLRPQVLWDELLAEAKAAPGGDRESFALLHP
DGYALYRVDRTDLKLARVSELRAVTADAHCALWRALIGLDSMERISIITHPQDPLPHLLTDTRLARTTWRQDGLWLRIMN
VPAALEARGYAHEVGEFSTVLEVSDGGRFALKIGDGRARCTPTDAAAEIEMDRDVLGSLYLGAHRASTLAAANRLRTKDS
QLLRRLDAAFASDVPVQTAFEF
;
_entity_poly.pdbx_strand_id   A
#
# COMPACT_ATOMS: atom_id res chain seq x y z
N VAL A 23 -29.05 -19.49 0.89
CA VAL A 23 -27.88 -18.61 1.19
C VAL A 23 -26.60 -19.44 1.00
N THR A 24 -26.26 -19.79 -0.25
CA THR A 24 -25.12 -20.69 -0.61
C THR A 24 -23.91 -19.84 -1.06
N LEU A 25 -22.69 -20.36 -0.93
CA LEU A 25 -21.40 -19.70 -1.27
C LEU A 25 -20.74 -20.42 -2.45
N CYS A 26 -20.54 -19.76 -3.59
CA CYS A 26 -20.00 -20.35 -4.84
C CYS A 26 -19.02 -19.38 -5.50
N SER A 27 -18.22 -19.87 -6.44
CA SER A 27 -17.55 -19.06 -7.48
C SER A 27 -18.63 -18.52 -8.42
N PRO A 28 -18.57 -17.24 -8.81
CA PRO A 28 -19.57 -16.70 -9.74
C PRO A 28 -19.41 -17.31 -11.15
N THR A 29 -20.54 -17.38 -11.86
CA THR A 29 -20.66 -17.72 -13.30
C THR A 29 -20.79 -16.41 -14.06
N GLU A 30 -20.73 -16.41 -15.39
CA GLU A 30 -20.82 -15.17 -16.20
C GLU A 30 -22.13 -14.43 -15.87
N ASP A 31 -23.20 -15.16 -15.51
CA ASP A 31 -24.56 -14.61 -15.23
C ASP A 31 -24.56 -13.81 -13.92
N ASP A 32 -23.67 -14.15 -12.99
CA ASP A 32 -23.60 -13.53 -11.64
C ASP A 32 -22.97 -12.13 -11.73
N TRP A 33 -22.26 -11.78 -12.80
CA TRP A 33 -21.45 -10.54 -12.81
C TRP A 33 -22.36 -9.32 -12.80
N PRO A 34 -23.42 -9.24 -13.62
CA PRO A 34 -24.28 -8.05 -13.60
C PRO A 34 -24.77 -7.79 -12.16
N GLY A 35 -25.14 -8.85 -11.44
CA GLY A 35 -25.60 -8.80 -10.04
C GLY A 35 -24.55 -8.18 -9.12
N MET A 36 -23.28 -8.47 -9.39
CA MET A 36 -22.10 -8.05 -8.60
C MET A 36 -21.84 -6.56 -8.87
N PHE A 37 -21.87 -6.16 -10.14
CA PHE A 37 -21.74 -4.74 -10.56
C PHE A 37 -22.88 -3.90 -9.94
N LEU A 38 -24.08 -4.45 -9.76
CA LEU A 38 -25.18 -3.70 -9.08
C LEU A 38 -24.77 -3.52 -7.61
N LEU A 39 -24.39 -4.60 -6.94
CA LEU A 39 -23.96 -4.53 -5.52
C LEU A 39 -22.80 -3.53 -5.39
N ALA A 40 -21.89 -3.51 -6.37
CA ALA A 40 -20.66 -2.68 -6.39
C ALA A 40 -21.06 -1.20 -6.41
N ALA A 41 -21.91 -0.83 -7.37
CA ALA A 41 -22.42 0.54 -7.54
C ALA A 41 -23.06 1.01 -6.22
N ALA A 42 -23.74 0.14 -5.48
CA ALA A 42 -24.50 0.53 -4.28
C ALA A 42 -23.60 0.47 -3.04
N SER A 43 -22.44 -0.17 -3.13
CA SER A 43 -21.54 -0.43 -1.97
C SER A 43 -20.38 0.56 -1.95
N PHE A 44 -19.89 0.94 -3.15
CA PHE A 44 -18.70 1.80 -3.38
C PHE A 44 -19.09 3.03 -4.20
N THR A 45 -18.70 4.19 -3.69
CA THR A 45 -19.16 5.48 -4.25
C THR A 45 -18.10 5.92 -5.27
N ASP A 46 -16.91 5.31 -5.25
CA ASP A 46 -15.82 5.52 -6.24
C ASP A 46 -15.95 4.53 -7.42
N PHE A 47 -17.04 3.77 -7.50
CA PHE A 47 -17.20 2.73 -8.56
C PHE A 47 -17.31 3.46 -9.90
N ILE A 48 -16.79 2.84 -10.95
CA ILE A 48 -16.48 3.51 -12.25
C ILE A 48 -17.45 2.96 -13.31
N GLY A 49 -17.63 1.64 -13.36
CA GLY A 49 -18.72 1.01 -14.11
C GLY A 49 -18.21 -0.17 -14.92
N PRO A 50 -19.11 -1.01 -15.49
CA PRO A 50 -18.72 -2.24 -16.19
C PRO A 50 -17.63 -2.10 -17.25
N GLU A 51 -17.72 -1.07 -18.08
CA GLU A 51 -16.67 -0.64 -19.05
C GLU A 51 -15.28 -0.78 -18.40
N SER A 52 -15.14 -0.37 -17.13
CA SER A 52 -13.85 -0.19 -16.41
C SER A 52 -13.58 -1.35 -15.43
N ALA A 53 -14.62 -2.10 -15.03
CA ALA A 53 -14.52 -3.25 -14.12
C ALA A 53 -13.99 -4.46 -14.90
N THR A 54 -14.14 -4.40 -16.22
CA THR A 54 -13.65 -5.40 -17.20
C THR A 54 -12.12 -5.32 -17.35
N ALA A 55 -11.55 -4.12 -17.20
CA ALA A 55 -10.09 -3.91 -17.04
C ALA A 55 -9.60 -4.69 -15.82
N TRP A 56 -10.02 -4.27 -14.63
CA TRP A 56 -9.56 -4.86 -13.34
C TRP A 56 -9.78 -6.38 -13.30
N ARG A 57 -10.87 -6.86 -13.89
CA ARG A 57 -11.27 -8.30 -13.93
C ARG A 57 -10.13 -9.20 -14.44
N THR A 58 -9.29 -8.69 -15.34
CA THR A 58 -8.11 -9.42 -15.88
C THR A 58 -7.14 -9.79 -14.75
N LEU A 59 -7.14 -9.03 -13.64
CA LEU A 59 -6.20 -9.24 -12.49
C LEU A 59 -6.76 -10.26 -11.50
N VAL A 60 -8.02 -10.65 -11.65
CA VAL A 60 -8.63 -11.74 -10.84
C VAL A 60 -8.33 -13.09 -11.50
N PRO A 61 -7.67 -14.03 -10.81
CA PRO A 61 -7.42 -15.35 -11.39
C PRO A 61 -8.70 -16.18 -11.35
N THR A 62 -8.83 -17.16 -12.24
CA THR A 62 -9.89 -18.20 -12.15
C THR A 62 -9.99 -18.64 -10.69
N ASP A 63 -11.21 -18.71 -10.12
CA ASP A 63 -11.41 -19.20 -8.74
C ASP A 63 -10.84 -18.19 -7.72
N GLY A 64 -10.71 -16.93 -8.14
CA GLY A 64 -10.31 -15.81 -7.26
C GLY A 64 -11.50 -15.05 -6.70
N ALA A 65 -12.74 -15.44 -7.02
CA ALA A 65 -13.96 -14.73 -6.60
C ALA A 65 -14.94 -15.67 -5.91
N VAL A 66 -15.60 -15.17 -4.86
CA VAL A 66 -16.81 -15.80 -4.27
C VAL A 66 -17.98 -14.82 -4.30
N VAL A 67 -19.19 -15.36 -4.46
CA VAL A 67 -20.50 -14.65 -4.38
C VAL A 67 -21.37 -15.41 -3.40
N VAL A 68 -22.29 -14.71 -2.74
CA VAL A 68 -23.36 -15.32 -1.91
C VAL A 68 -24.69 -14.97 -2.58
N ARG A 69 -25.41 -15.96 -3.07
CA ARG A 69 -26.75 -15.75 -3.67
C ARG A 69 -27.79 -16.00 -2.58
N ASP A 70 -28.96 -15.39 -2.72
CA ASP A 70 -30.12 -15.61 -1.84
C ASP A 70 -31.17 -16.29 -2.71
N GLY A 71 -31.38 -17.59 -2.50
CA GLY A 71 -32.34 -18.38 -3.30
C GLY A 71 -31.91 -18.40 -4.76
N SER A 76 -32.41 -15.47 -8.19
CA SER A 76 -31.36 -15.27 -7.15
C SER A 76 -30.62 -13.96 -7.41
N GLU A 77 -30.50 -13.12 -6.39
CA GLU A 77 -29.70 -11.88 -6.46
C GLU A 77 -28.44 -12.10 -5.60
N VAL A 78 -27.31 -11.57 -6.07
CA VAL A 78 -26.01 -11.58 -5.34
C VAL A 78 -26.18 -10.67 -4.12
N VAL A 79 -26.04 -11.22 -2.91
CA VAL A 79 -26.19 -10.43 -1.66
C VAL A 79 -24.82 -10.27 -0.98
N GLY A 80 -23.77 -10.84 -1.57
CA GLY A 80 -22.42 -10.83 -1.01
C GLY A 80 -21.39 -11.20 -2.06
N MET A 81 -20.22 -10.56 -2.05
CA MET A 81 -19.13 -10.92 -2.99
C MET A 81 -17.79 -10.56 -2.35
N ALA A 82 -16.75 -11.30 -2.72
CA ALA A 82 -15.33 -11.00 -2.39
C ALA A 82 -14.45 -11.66 -3.45
N LEU A 83 -13.29 -11.08 -3.72
CA LEU A 83 -12.30 -11.66 -4.65
C LEU A 83 -10.89 -11.25 -4.21
N TYR A 84 -9.87 -11.83 -4.83
CA TYR A 84 -8.50 -11.32 -4.75
C TYR A 84 -7.96 -11.15 -6.16
N MET A 85 -6.92 -10.34 -6.26
CA MET A 85 -6.18 -10.09 -7.51
C MET A 85 -4.76 -10.59 -7.33
N ASP A 86 -4.14 -11.08 -8.41
CA ASP A 86 -2.73 -11.52 -8.41
C ASP A 86 -1.83 -10.26 -8.43
N LEU A 87 -1.15 -9.96 -7.33
CA LEU A 87 -0.28 -8.76 -7.22
C LEU A 87 1.16 -9.18 -6.93
N ARG A 88 2.11 -8.27 -7.14
CA ARG A 88 3.53 -8.47 -6.77
C ARG A 88 3.94 -7.36 -5.80
N LEU A 89 4.12 -7.72 -4.55
CA LEU A 89 4.52 -6.80 -3.46
C LEU A 89 6.02 -6.90 -3.23
N THR A 90 6.70 -5.76 -3.23
CA THR A 90 8.14 -5.63 -2.89
C THR A 90 8.25 -5.47 -1.37
N VAL A 91 9.07 -6.31 -0.73
CA VAL A 91 9.28 -6.31 0.74
C VAL A 91 10.73 -5.96 1.01
N PRO A 92 11.13 -5.64 2.26
CA PRO A 92 12.52 -5.29 2.58
C PRO A 92 13.56 -6.31 2.06
N GLY A 93 14.62 -5.82 1.44
CA GLY A 93 15.58 -6.68 0.72
C GLY A 93 15.30 -6.66 -0.77
N GLU A 94 14.48 -5.71 -1.24
CA GLU A 94 14.06 -5.64 -2.67
C GLU A 94 13.50 -6.98 -3.13
N VAL A 95 12.93 -7.78 -2.22
CA VAL A 95 12.34 -9.12 -2.52
C VAL A 95 10.89 -8.92 -2.90
N VAL A 96 10.47 -9.49 -4.03
CA VAL A 96 9.10 -9.36 -4.59
C VAL A 96 8.32 -10.66 -4.31
N LEU A 97 7.17 -10.57 -3.65
CA LEU A 97 6.29 -11.71 -3.24
C LEU A 97 5.01 -11.74 -4.05
N PRO A 98 4.50 -12.92 -4.47
CA PRO A 98 3.14 -13.02 -4.99
C PRO A 98 2.22 -12.74 -3.80
N THR A 99 1.23 -11.89 -4.05
CA THR A 99 0.35 -11.33 -3.02
C THR A 99 -1.08 -11.44 -3.52
N ALA A 100 -1.93 -12.09 -2.75
CA ALA A 100 -3.39 -12.02 -2.95
C ALA A 100 -3.86 -10.64 -2.45
N GLY A 101 -4.28 -9.79 -3.39
CA GLY A 101 -4.90 -8.48 -3.10
C GLY A 101 -6.40 -8.58 -2.96
N LEU A 102 -6.89 -8.61 -1.72
CA LEU A 102 -8.34 -8.71 -1.43
C LEU A 102 -8.98 -7.41 -1.87
N SER A 103 -10.16 -7.48 -2.50
CA SER A 103 -10.84 -6.32 -3.13
C SER A 103 -12.31 -6.66 -3.39
N PHE A 104 -13.12 -5.64 -3.67
CA PHE A 104 -14.50 -5.79 -4.21
C PHE A 104 -15.36 -6.57 -3.21
N VAL A 105 -15.02 -6.48 -1.92
CA VAL A 105 -15.73 -7.13 -0.78
C VAL A 105 -16.94 -6.27 -0.43
N ALA A 106 -18.11 -6.89 -0.33
CA ALA A 106 -19.41 -6.20 -0.19
C ALA A 106 -20.47 -7.20 0.26
N VAL A 107 -21.26 -6.79 1.24
CA VAL A 107 -22.47 -7.51 1.75
C VAL A 107 -23.66 -6.57 1.58
N ALA A 108 -24.73 -7.00 0.93
CA ALA A 108 -25.94 -6.16 0.70
C ALA A 108 -26.42 -5.59 2.03
N PRO A 109 -26.96 -4.35 2.06
CA PRO A 109 -27.47 -3.77 3.29
C PRO A 109 -28.64 -4.61 3.85
N THR A 110 -29.29 -5.37 2.95
CA THR A 110 -30.38 -6.32 3.25
C THR A 110 -29.91 -7.56 4.01
N HIS A 111 -28.60 -7.81 4.12
CA HIS A 111 -28.04 -9.07 4.68
C HIS A 111 -26.86 -8.83 5.64
N ARG A 112 -26.85 -7.70 6.35
CA ARG A 112 -25.89 -7.40 7.45
C ARG A 112 -26.00 -8.41 8.60
N ARG A 113 -25.02 -8.41 9.51
CA ARG A 113 -25.01 -9.20 10.77
C ARG A 113 -25.53 -10.62 10.50
N ARG A 114 -25.09 -11.20 9.38
CA ARG A 114 -25.46 -12.57 8.94
C ARG A 114 -24.19 -13.43 8.83
N GLY A 115 -23.05 -12.95 9.33
CA GLY A 115 -21.75 -13.65 9.24
C GLY A 115 -21.37 -13.95 7.80
N LEU A 116 -21.86 -13.16 6.86
CA LEU A 116 -21.62 -13.35 5.41
C LEU A 116 -20.18 -12.98 5.05
N LEU A 117 -19.63 -11.91 5.63
CA LEU A 117 -18.20 -11.54 5.48
C LEU A 117 -17.35 -12.68 6.06
N ARG A 118 -17.59 -13.06 7.32
CA ARG A 118 -16.83 -14.14 8.01
C ARG A 118 -16.68 -15.33 7.04
N ALA A 119 -17.77 -15.78 6.43
CA ALA A 119 -17.84 -16.97 5.55
C ALA A 119 -17.09 -16.74 4.23
N MET A 120 -17.24 -15.56 3.62
CA MET A 120 -16.55 -15.24 2.35
C MET A 120 -15.04 -15.15 2.62
N CYS A 121 -14.63 -14.46 3.67
CA CYS A 121 -13.19 -14.24 4.01
C CYS A 121 -12.57 -15.61 4.30
N ALA A 122 -13.29 -16.48 5.01
CA ALA A 122 -12.84 -17.84 5.39
C ALA A 122 -12.52 -18.67 4.15
N GLU A 123 -13.34 -18.53 3.10
CA GLU A 123 -13.26 -19.34 1.86
C GLU A 123 -12.13 -18.81 0.98
N LEU A 124 -12.07 -17.50 0.77
CA LEU A 124 -10.96 -16.89 -0.03
C LEU A 124 -9.63 -17.20 0.66
N HIS A 125 -9.59 -17.23 2.01
CA HIS A 125 -8.35 -17.52 2.77
C HIS A 125 -7.93 -18.97 2.55
N ARG A 126 -8.87 -19.92 2.55
CA ARG A 126 -8.60 -21.34 2.16
C ARG A 126 -7.89 -21.33 0.81
N ARG A 127 -8.47 -20.68 -0.20
CA ARG A 127 -8.01 -20.74 -1.62
C ARG A 127 -6.65 -20.06 -1.79
N ILE A 128 -6.49 -18.88 -1.23
CA ILE A 128 -5.22 -18.09 -1.29
C ILE A 128 -4.10 -18.96 -0.72
N ALA A 129 -4.36 -19.58 0.43
CA ALA A 129 -3.38 -20.42 1.16
C ALA A 129 -3.03 -21.66 0.35
N ASP A 130 -4.03 -22.38 -0.17
CA ASP A 130 -3.87 -23.60 -1.01
C ASP A 130 -3.15 -23.25 -2.32
N SER A 131 -3.38 -22.06 -2.88
CA SER A 131 -2.78 -21.60 -4.15
C SER A 131 -1.28 -21.32 -3.95
N GLY A 132 -0.88 -21.07 -2.69
CA GLY A 132 0.54 -20.89 -2.30
C GLY A 132 0.97 -19.43 -2.27
N TYR A 133 0.04 -18.51 -1.99
CA TYR A 133 0.39 -17.10 -1.69
C TYR A 133 0.93 -17.08 -0.26
N PRO A 134 2.13 -16.52 -0.02
CA PRO A 134 2.62 -16.29 1.35
C PRO A 134 1.95 -15.11 2.10
N VAL A 135 1.47 -14.09 1.39
CA VAL A 135 0.74 -12.95 2.01
C VAL A 135 -0.49 -12.60 1.18
N ALA A 136 -1.45 -12.01 1.88
CA ALA A 136 -2.59 -11.27 1.31
C ALA A 136 -2.52 -9.84 1.83
N ALA A 137 -3.08 -8.91 1.05
CA ALA A 137 -3.14 -7.48 1.38
C ALA A 137 -4.50 -6.90 1.00
N LEU A 138 -4.86 -5.80 1.65
CA LEU A 138 -6.08 -5.04 1.31
C LEU A 138 -5.91 -3.59 1.74
N HIS A 139 -6.80 -2.74 1.20
CA HIS A 139 -7.08 -1.36 1.65
C HIS A 139 -8.44 -1.39 2.37
N ALA A 140 -8.45 -0.91 3.61
CA ALA A 140 -9.59 -1.01 4.55
C ALA A 140 -10.48 0.21 4.40
N SER A 141 -11.75 0.00 4.06
CA SER A 141 -12.76 1.07 4.07
C SER A 141 -12.96 1.56 5.51
N GLU A 142 -12.92 0.70 6.53
CA GLU A 142 -12.93 1.13 7.97
C GLU A 142 -11.79 0.48 8.74
N GLY A 143 -11.30 1.13 9.81
CA GLY A 143 -10.09 0.74 10.53
C GLY A 143 -10.30 -0.34 11.61
N GLY A 144 -11.51 -0.91 11.70
CA GLY A 144 -11.94 -1.83 12.78
C GLY A 144 -12.52 -3.17 12.32
N ILE A 145 -12.74 -3.36 11.01
CA ILE A 145 -13.31 -4.61 10.43
C ILE A 145 -12.22 -5.70 10.42
N TYR A 146 -11.01 -5.41 9.92
CA TYR A 146 -10.10 -6.43 9.30
C TYR A 146 -9.08 -6.99 10.30
N GLY A 147 -8.85 -6.36 11.47
CA GLY A 147 -7.97 -6.92 12.50
C GLY A 147 -8.29 -8.37 12.84
N ARG A 148 -9.58 -8.73 12.92
CA ARG A 148 -10.02 -10.04 13.48
C ARG A 148 -9.83 -11.15 12.44
N PHE A 149 -9.59 -10.81 11.16
CA PHE A 149 -9.34 -11.80 10.07
C PHE A 149 -7.84 -12.00 9.83
N GLY A 150 -6.97 -11.40 10.65
CA GLY A 150 -5.50 -11.56 10.61
C GLY A 150 -4.76 -10.46 9.85
N TYR A 151 -5.45 -9.38 9.44
CA TYR A 151 -4.85 -8.24 8.70
C TYR A 151 -4.31 -7.18 9.70
N GLY A 152 -3.08 -6.71 9.46
CA GLY A 152 -2.44 -5.63 10.22
C GLY A 152 -2.12 -4.41 9.36
N PRO A 153 -2.35 -3.18 9.85
CA PRO A 153 -1.99 -1.99 9.09
C PRO A 153 -0.47 -2.00 9.00
N ALA A 154 0.08 -1.94 7.79
CA ALA A 154 1.51 -2.24 7.51
C ALA A 154 2.23 -1.09 6.77
N THR A 155 1.49 -0.18 6.11
CA THR A 155 2.00 1.13 5.62
C THR A 155 1.18 2.29 6.23
N THR A 156 1.80 3.47 6.29
CA THR A 156 1.16 4.69 6.85
C THR A 156 1.12 5.74 5.76
N LEU A 157 -0.10 6.18 5.40
CA LEU A 157 -0.39 7.35 4.55
C LEU A 157 -0.24 8.62 5.40
N HIS A 158 0.35 9.64 4.80
CA HIS A 158 0.74 10.95 5.39
C HIS A 158 0.39 12.04 4.38
N GLU A 159 -0.61 12.89 4.64
CA GLU A 159 -0.88 14.05 3.77
C GLU A 159 0.03 15.18 4.23
N LEU A 160 0.80 15.75 3.29
CA LEU A 160 1.52 17.02 3.47
C LEU A 160 0.87 18.09 2.59
N THR A 161 0.56 19.20 3.21
CA THR A 161 0.06 20.42 2.54
C THR A 161 1.13 21.50 2.70
N VAL A 162 1.70 21.97 1.61
CA VAL A 162 2.76 23.02 1.61
C VAL A 162 2.11 24.36 1.30
N ASP A 163 2.30 25.38 2.14
CA ASP A 163 1.95 26.77 1.76
C ASP A 163 3.11 27.30 0.92
N ARG A 164 2.98 27.22 -0.40
CA ARG A 164 4.12 27.38 -1.35
C ARG A 164 4.46 28.85 -1.58
N ARG A 165 3.68 29.79 -1.03
CA ARG A 165 4.00 31.24 -1.15
C ARG A 165 5.19 31.58 -0.24
N PHE A 166 5.42 30.82 0.82
CA PHE A 166 6.51 31.09 1.79
C PHE A 166 7.69 30.16 1.57
N ALA A 167 7.57 29.18 0.68
CA ALA A 167 8.54 28.06 0.59
C ALA A 167 9.83 28.55 -0.06
N ARG A 168 10.92 28.50 0.68
CA ARG A 168 12.30 28.76 0.19
C ARG A 168 13.09 27.46 0.41
N PHE A 169 13.71 26.93 -0.63
CA PHE A 169 14.65 25.80 -0.54
C PHE A 169 15.90 26.22 0.23
N HIS A 170 16.32 25.38 1.19
CA HIS A 170 17.62 25.37 1.88
C HIS A 170 18.78 25.40 0.87
N ALA A 171 19.91 25.98 1.28
CA ALA A 171 21.17 26.00 0.50
C ALA A 171 21.62 24.56 0.25
N ASP A 172 21.48 23.70 1.25
CA ASP A 172 21.90 22.27 1.21
C ASP A 172 21.11 21.53 0.10
N ALA A 173 19.95 22.02 -0.32
CA ALA A 173 19.05 21.34 -1.29
C ALA A 173 19.77 21.11 -2.62
N PRO A 174 19.62 19.93 -3.27
CA PRO A 174 20.15 19.73 -4.63
C PRO A 174 19.48 20.56 -5.74
N GLY A 175 20.19 20.74 -6.86
CA GLY A 175 19.66 21.22 -8.15
C GLY A 175 19.17 22.65 -8.08
N GLY A 176 19.94 23.52 -7.41
CA GLY A 176 19.67 24.96 -7.26
C GLY A 176 20.79 25.83 -7.80
N GLY A 177 21.69 25.26 -8.62
CA GLY A 177 22.64 26.03 -9.45
C GLY A 177 21.94 26.55 -10.69
N LEU A 178 22.46 27.64 -11.29
CA LEU A 178 21.96 28.23 -12.56
C LEU A 178 22.05 27.16 -13.67
N GLY A 179 21.66 27.51 -14.90
CA GLY A 179 21.57 26.58 -16.04
C GLY A 179 20.21 25.91 -16.08
N GLY A 180 19.89 25.22 -17.19
CA GLY A 180 18.57 24.66 -17.51
C GLY A 180 18.08 23.67 -16.45
N SER A 181 16.76 23.55 -16.29
CA SER A 181 16.10 22.52 -15.46
C SER A 181 16.12 21.19 -16.24
N SER A 182 16.14 20.05 -15.55
CA SER A 182 16.01 18.72 -16.21
C SER A 182 14.57 18.22 -16.07
N VAL A 183 13.65 19.06 -15.53
CA VAL A 183 12.19 18.75 -15.39
C VAL A 183 11.40 19.43 -16.53
N ARG A 184 10.44 18.71 -17.09
CA ARG A 184 9.56 19.19 -18.20
C ARG A 184 8.10 19.14 -17.74
N LEU A 185 7.31 20.12 -18.13
CA LEU A 185 5.83 20.08 -18.06
C LEU A 185 5.29 19.39 -19.31
N VAL A 186 4.50 18.32 -19.17
CA VAL A 186 4.03 17.49 -20.32
C VAL A 186 2.62 16.98 -20.08
N ARG A 187 1.89 16.68 -21.17
CA ARG A 187 0.60 15.95 -21.11
C ARG A 187 0.92 14.51 -20.72
N PRO A 188 0.27 13.94 -19.69
CA PRO A 188 0.57 12.57 -19.26
C PRO A 188 0.54 11.52 -20.39
N THR A 189 -0.49 11.57 -21.24
CA THR A 189 -0.82 10.54 -22.29
C THR A 189 0.29 10.42 -23.34
N GLU A 190 1.08 11.47 -23.55
CA GLU A 190 2.13 11.50 -24.60
C GLU A 190 3.45 10.94 -24.04
N HIS A 191 3.48 10.51 -22.78
CA HIS A 191 4.71 10.02 -22.10
C HIS A 191 4.40 8.82 -21.19
N ARG A 192 3.47 7.97 -21.60
CA ARG A 192 3.14 6.72 -20.88
C ARG A 192 4.42 5.90 -20.67
N GLY A 193 5.18 5.68 -21.74
CA GLY A 193 6.40 4.84 -21.73
C GLY A 193 7.35 5.22 -20.62
N GLU A 194 7.61 6.52 -20.43
CA GLU A 194 8.62 7.03 -19.45
C GLU A 194 8.07 6.85 -18.04
N PHE A 195 6.75 7.06 -17.87
CA PHE A 195 6.08 6.89 -16.55
C PHE A 195 6.16 5.41 -16.15
N GLU A 196 5.80 4.49 -17.06
CA GLU A 196 5.92 3.02 -16.85
C GLU A 196 7.36 2.66 -16.42
N ALA A 197 8.35 3.11 -17.18
CA ALA A 197 9.79 2.86 -16.92
C ALA A 197 10.16 3.30 -15.50
N ILE A 198 9.79 4.53 -15.11
CA ILE A 198 10.22 5.12 -13.80
C ILE A 198 9.54 4.35 -12.67
N TYR A 199 8.22 4.16 -12.77
CA TYR A 199 7.41 3.43 -11.77
C TYR A 199 7.95 2.00 -11.63
N GLU A 200 8.39 1.38 -12.72
CA GLU A 200 8.93 -0.01 -12.71
C GLU A 200 10.21 -0.06 -11.85
N ARG A 201 11.11 0.89 -12.05
CA ARG A 201 12.35 1.02 -11.27
C ARG A 201 12.00 1.23 -9.79
N TRP A 202 11.01 2.08 -9.54
CA TRP A 202 10.61 2.58 -8.20
C TRP A 202 10.10 1.39 -7.37
N ARG A 203 9.10 0.68 -7.90
CA ARG A 203 8.32 -0.35 -7.16
C ARG A 203 9.22 -1.54 -6.83
N GLN A 204 10.25 -1.76 -7.64
CA GLN A 204 11.23 -2.87 -7.47
C GLN A 204 12.20 -2.56 -6.33
N GLN A 205 12.27 -1.30 -5.90
CA GLN A 205 13.34 -0.91 -4.95
C GLN A 205 12.71 -0.32 -3.67
N VAL A 206 11.39 -0.34 -3.50
CA VAL A 206 10.71 0.30 -2.32
C VAL A 206 9.74 -0.70 -1.69
N PRO A 207 9.92 -1.03 -0.40
CA PRO A 207 8.91 -1.78 0.36
C PRO A 207 7.53 -1.13 0.29
N GLY A 208 6.54 -1.91 -0.14
CA GLY A 208 5.17 -1.42 -0.41
C GLY A 208 4.91 -1.35 -1.89
N GLY A 209 5.96 -1.47 -2.70
CA GLY A 209 5.90 -1.41 -4.18
C GLY A 209 5.02 -2.51 -4.77
N LEU A 210 4.14 -2.17 -5.70
CA LEU A 210 3.32 -3.16 -6.46
C LEU A 210 3.58 -3.00 -7.95
N LEU A 211 3.82 -4.12 -8.63
CA LEU A 211 3.74 -4.20 -10.12
C LEU A 211 2.38 -3.61 -10.52
N ARG A 212 2.42 -2.63 -11.41
CA ARG A 212 1.21 -1.98 -11.99
C ARG A 212 0.98 -2.54 -13.40
N PRO A 213 -0.01 -3.42 -13.62
CA PRO A 213 -0.21 -4.00 -14.95
C PRO A 213 -0.82 -3.02 -15.98
N GLN A 214 -0.65 -3.36 -17.28
CA GLN A 214 -1.07 -2.51 -18.43
C GLN A 214 -2.45 -1.90 -18.17
N VAL A 215 -3.41 -2.69 -17.70
CA VAL A 215 -4.81 -2.23 -17.58
C VAL A 215 -4.94 -1.14 -16.50
N LEU A 216 -4.02 -1.09 -15.52
CA LEU A 216 -4.11 -0.06 -14.44
C LEU A 216 -3.47 1.26 -14.88
N TRP A 217 -2.48 1.18 -15.76
CA TRP A 217 -1.98 2.35 -16.51
C TRP A 217 -3.11 2.87 -17.42
N ASP A 218 -3.78 1.99 -18.17
CA ASP A 218 -4.96 2.37 -18.99
C ASP A 218 -5.90 3.22 -18.12
N GLU A 219 -6.21 2.74 -16.92
CA GLU A 219 -7.19 3.42 -16.02
C GLU A 219 -6.61 4.75 -15.52
N LEU A 220 -5.33 4.76 -15.13
CA LEU A 220 -4.68 5.96 -14.54
C LEU A 220 -4.77 7.14 -15.52
N LEU A 221 -4.53 6.88 -16.80
CA LEU A 221 -4.43 7.91 -17.88
C LEU A 221 -5.82 8.31 -18.41
N ALA A 222 -6.84 7.49 -18.19
CA ALA A 222 -8.25 7.84 -18.49
C ALA A 222 -8.76 8.89 -17.49
N GLU A 223 -8.21 8.87 -16.27
CA GLU A 223 -8.51 9.84 -15.19
C GLU A 223 -7.63 11.09 -15.30
N ALA A 224 -6.65 11.10 -16.20
CA ALA A 224 -5.78 12.28 -16.46
C ALA A 224 -6.65 13.38 -17.07
N LYS A 225 -7.58 13.02 -17.96
CA LYS A 225 -8.37 13.98 -18.79
C LYS A 225 -9.47 14.60 -17.93
N ALA A 226 -9.75 15.89 -18.15
CA ALA A 226 -10.84 16.65 -17.51
C ALA A 226 -12.17 15.99 -17.86
N ALA A 227 -13.04 15.83 -16.86
CA ALA A 227 -14.38 15.22 -16.98
C ALA A 227 -15.44 16.30 -16.88
N PRO A 228 -16.48 16.31 -17.75
CA PRO A 228 -17.51 17.35 -17.73
C PRO A 228 -18.13 17.47 -16.33
N GLY A 229 -17.96 18.61 -15.68
CA GLY A 229 -18.37 18.86 -14.28
C GLY A 229 -17.81 17.80 -13.34
N GLY A 230 -16.58 17.37 -13.59
CA GLY A 230 -15.83 16.46 -12.70
C GLY A 230 -14.50 17.07 -12.34
N ASP A 231 -13.44 16.27 -12.43
CA ASP A 231 -12.04 16.67 -12.15
C ASP A 231 -11.51 17.45 -13.35
N ARG A 232 -10.48 18.26 -13.11
CA ARG A 232 -9.82 19.16 -14.09
C ARG A 232 -8.66 18.42 -14.74
N GLU A 233 -8.14 18.94 -15.85
CA GLU A 233 -6.99 18.33 -16.59
C GLU A 233 -5.87 18.02 -15.58
N SER A 234 -5.21 16.88 -15.74
CA SER A 234 -3.98 16.51 -15.00
C SER A 234 -2.75 16.77 -15.86
N PHE A 235 -1.78 17.43 -15.27
CA PHE A 235 -0.46 17.70 -15.87
C PHE A 235 0.56 16.79 -15.22
N ALA A 236 1.76 16.81 -15.79
CA ALA A 236 2.91 15.95 -15.43
C ALA A 236 4.19 16.78 -15.44
N LEU A 237 4.95 16.68 -14.36
CA LEU A 237 6.36 17.11 -14.28
C LEU A 237 7.21 15.85 -14.43
N LEU A 238 8.01 15.76 -15.49
CA LEU A 238 8.81 14.56 -15.86
C LEU A 238 10.29 14.88 -15.71
N HIS A 239 10.99 14.00 -14.99
CA HIS A 239 12.46 14.01 -14.82
C HIS A 239 12.99 12.67 -15.34
N PRO A 240 14.26 12.57 -15.77
CA PRO A 240 14.85 11.29 -16.16
C PRO A 240 14.65 10.16 -15.14
N ASP A 241 14.62 10.48 -13.84
CA ASP A 241 14.56 9.49 -12.74
C ASP A 241 13.37 9.75 -11.80
N GLY A 242 12.32 10.42 -12.28
CA GLY A 242 11.15 10.80 -11.45
C GLY A 242 10.02 11.41 -12.28
N TYR A 243 8.79 11.35 -11.77
CA TYR A 243 7.62 12.05 -12.35
C TYR A 243 6.65 12.44 -11.22
N ALA A 244 5.84 13.47 -11.45
CA ALA A 244 4.72 13.93 -10.58
C ALA A 244 3.50 14.22 -11.48
N LEU A 245 2.39 13.52 -11.23
CA LEU A 245 1.05 13.88 -11.76
C LEU A 245 0.33 14.72 -10.72
N TYR A 246 -0.36 15.75 -11.18
CA TYR A 246 -1.01 16.75 -10.31
C TYR A 246 -2.16 17.36 -11.10
N ARG A 247 -3.17 17.85 -10.39
CA ARG A 247 -4.35 18.49 -10.98
C ARG A 247 -4.77 19.59 -10.02
N VAL A 248 -5.42 20.65 -10.52
CA VAL A 248 -6.01 21.67 -9.62
C VAL A 248 -7.31 21.10 -9.06
N ASP A 249 -7.57 21.34 -7.77
CA ASP A 249 -8.77 20.84 -7.05
C ASP A 249 -10.01 21.35 -7.76
N ARG A 250 -11.07 20.55 -7.82
CA ARG A 250 -12.36 20.92 -8.48
C ARG A 250 -12.89 22.26 -7.97
N THR A 251 -12.93 22.45 -6.65
CA THR A 251 -13.68 23.53 -5.99
C THR A 251 -12.73 24.59 -5.40
N ASP A 252 -11.53 24.19 -4.96
CA ASP A 252 -10.50 25.11 -4.40
C ASP A 252 -9.40 25.33 -5.46
N LEU A 253 -9.43 26.48 -6.14
CA LEU A 253 -8.61 26.72 -7.37
C LEU A 253 -7.22 27.25 -7.00
N LYS A 254 -6.90 27.37 -5.71
CA LYS A 254 -5.56 27.73 -5.20
C LYS A 254 -4.87 26.48 -4.69
N LEU A 255 -5.51 25.31 -4.84
CA LEU A 255 -4.98 24.00 -4.37
C LEU A 255 -4.60 23.09 -5.57
N ALA A 256 -3.34 22.65 -5.61
CA ALA A 256 -2.88 21.58 -6.53
C ALA A 256 -2.75 20.29 -5.75
N ARG A 257 -3.41 19.25 -6.25
CA ARG A 257 -3.42 17.90 -5.65
C ARG A 257 -2.49 17.03 -6.46
N VAL A 258 -1.38 16.60 -5.84
CA VAL A 258 -0.40 15.67 -6.42
C VAL A 258 -0.90 14.25 -6.24
N SER A 259 -1.49 13.68 -7.30
CA SER A 259 -2.10 12.33 -7.30
C SER A 259 -1.01 11.31 -6.99
N GLU A 260 0.23 11.55 -7.44
CA GLU A 260 1.29 10.53 -7.53
C GLU A 260 2.65 11.16 -7.83
N LEU A 261 3.65 10.99 -6.96
CA LEU A 261 5.04 11.40 -7.23
C LEU A 261 5.96 10.20 -6.95
N ARG A 262 6.60 9.71 -8.02
CA ARG A 262 7.57 8.60 -7.98
C ARG A 262 8.94 9.15 -8.38
N ALA A 263 9.92 9.01 -7.49
CA ALA A 263 11.32 9.44 -7.68
C ALA A 263 12.24 8.30 -7.24
N VAL A 264 13.19 7.99 -8.10
CA VAL A 264 14.18 6.90 -7.90
C VAL A 264 15.43 7.48 -7.22
N THR A 265 15.79 8.74 -7.49
CA THR A 265 16.98 9.44 -6.95
C THR A 265 16.51 10.61 -6.07
N ALA A 266 17.30 11.00 -5.07
CA ALA A 266 17.03 12.17 -4.21
C ALA A 266 17.01 13.43 -5.09
N ASP A 267 17.85 13.44 -6.13
CA ASP A 267 17.96 14.58 -7.07
C ASP A 267 16.61 14.75 -7.75
N ALA A 268 16.07 13.68 -8.33
CA ALA A 268 14.77 13.67 -9.03
C ALA A 268 13.67 14.19 -8.08
N HIS A 269 13.68 13.76 -6.82
CA HIS A 269 12.68 14.14 -5.79
C HIS A 269 12.74 15.65 -5.54
N CYS A 270 13.94 16.20 -5.35
CA CYS A 270 14.13 17.64 -5.12
C CYS A 270 13.68 18.44 -6.36
N ALA A 271 14.18 18.08 -7.53
CA ALA A 271 13.90 18.73 -8.84
C ALA A 271 12.39 18.91 -9.01
N LEU A 272 11.64 17.83 -8.84
CA LEU A 272 10.16 17.80 -8.98
C LEU A 272 9.52 18.75 -7.96
N TRP A 273 10.02 18.81 -6.74
CA TRP A 273 9.44 19.68 -5.69
C TRP A 273 9.76 21.16 -5.99
N ARG A 274 10.99 21.46 -6.41
CA ARG A 274 11.33 22.78 -7.01
C ARG A 274 10.26 23.12 -8.04
N ALA A 275 9.93 22.21 -8.96
CA ALA A 275 8.94 22.48 -10.04
C ALA A 275 7.56 22.73 -9.40
N LEU A 276 7.16 22.00 -8.36
CA LEU A 276 5.80 22.13 -7.77
C LEU A 276 5.68 23.45 -7.00
N ILE A 277 6.69 23.81 -6.19
CA ILE A 277 6.76 25.13 -5.50
C ILE A 277 6.66 26.24 -6.57
N GLY A 278 7.13 25.98 -7.78
CA GLY A 278 7.02 26.88 -8.95
C GLY A 278 5.60 27.13 -9.45
N LEU A 279 4.59 26.32 -9.09
CA LEU A 279 3.18 26.58 -9.48
C LEU A 279 2.69 27.87 -8.80
N ASP A 280 3.05 29.03 -9.37
CA ASP A 280 2.97 30.34 -8.66
C ASP A 280 1.51 30.77 -8.49
N SER A 281 0.59 30.28 -9.33
CA SER A 281 -0.86 30.64 -9.26
C SER A 281 -1.55 29.81 -8.17
N MET A 282 -0.84 28.84 -7.54
CA MET A 282 -1.36 28.05 -6.41
C MET A 282 -0.86 28.62 -5.10
N GLU A 283 -1.67 28.47 -4.06
CA GLU A 283 -1.33 28.82 -2.66
C GLU A 283 -0.80 27.60 -1.91
N ARG A 284 -1.33 26.41 -2.23
CA ARG A 284 -1.09 25.16 -1.48
C ARG A 284 -0.87 24.00 -2.45
N ILE A 285 0.17 23.20 -2.21
CA ILE A 285 0.42 21.85 -2.81
C ILE A 285 0.11 20.79 -1.75
N SER A 286 -0.67 19.80 -2.17
CA SER A 286 -1.25 18.72 -1.34
C SER A 286 -0.72 17.42 -1.92
N ILE A 287 -0.30 16.50 -1.07
CA ILE A 287 0.20 15.17 -1.52
C ILE A 287 0.02 14.15 -0.40
N ILE A 288 -0.42 12.96 -0.78
CA ILE A 288 -0.46 11.78 0.14
C ILE A 288 0.85 11.01 -0.09
N THR A 289 1.66 10.96 0.97
CA THR A 289 3.05 10.46 0.96
C THR A 289 3.26 9.66 2.25
N HIS A 290 4.50 9.42 2.63
CA HIS A 290 4.85 8.53 3.77
C HIS A 290 5.53 9.38 4.83
N PRO A 291 5.56 8.89 6.09
CA PRO A 291 6.17 9.64 7.19
C PRO A 291 7.64 10.02 7.01
N GLN A 292 8.41 9.24 6.26
CA GLN A 292 9.85 9.56 6.09
C GLN A 292 10.07 10.42 4.82
N ASP A 293 9.02 10.93 4.15
CA ASP A 293 9.18 11.85 2.99
C ASP A 293 10.12 12.98 3.42
N PRO A 294 11.26 13.20 2.70
CA PRO A 294 12.24 14.21 3.11
C PRO A 294 11.88 15.68 2.82
N LEU A 295 10.69 15.96 2.28
CA LEU A 295 10.36 17.28 1.73
C LEU A 295 10.52 18.38 2.76
N PRO A 296 10.15 18.20 4.04
CA PRO A 296 10.29 19.27 5.03
C PRO A 296 11.75 19.72 5.22
N HIS A 297 12.71 18.81 5.00
CA HIS A 297 14.16 19.05 5.25
C HIS A 297 14.79 19.80 4.07
N LEU A 298 14.07 19.88 2.94
CA LEU A 298 14.48 20.61 1.71
C LEU A 298 14.20 22.09 1.85
N LEU A 299 13.35 22.50 2.80
CA LEU A 299 12.90 23.91 2.97
C LEU A 299 13.65 24.53 4.14
N THR A 300 13.84 25.85 4.10
CA THR A 300 14.47 26.61 5.21
C THR A 300 13.54 26.57 6.43
N ASP A 301 12.23 26.45 6.18
CA ASP A 301 11.19 26.28 7.23
C ASP A 301 10.55 24.89 7.13
N THR A 302 11.02 23.92 7.92
CA THR A 302 10.44 22.55 8.01
C THR A 302 8.92 22.63 8.13
N ARG A 303 8.39 23.63 8.86
CA ARG A 303 6.98 23.68 9.32
C ARG A 303 6.02 24.00 8.16
N LEU A 304 6.50 24.51 7.03
CA LEU A 304 5.64 24.88 5.87
C LEU A 304 5.04 23.62 5.27
N ALA A 305 5.67 22.46 5.51
CA ALA A 305 5.15 21.16 5.04
C ALA A 305 4.30 20.52 6.16
N ARG A 306 3.11 21.09 6.44
CA ARG A 306 2.22 20.64 7.55
C ARG A 306 1.62 19.29 7.21
N THR A 307 1.62 18.38 8.18
CA THR A 307 0.92 17.08 8.08
C THR A 307 -0.55 17.30 8.42
N THR A 308 -1.41 17.23 7.41
CA THR A 308 -2.85 17.61 7.47
C THR A 308 -3.76 16.40 7.71
N TRP A 309 -3.27 15.16 7.64
CA TRP A 309 -4.10 13.92 7.66
C TRP A 309 -3.20 12.69 7.70
N ARG A 310 -3.56 11.67 8.48
CA ARG A 310 -2.77 10.41 8.58
C ARG A 310 -3.70 9.22 8.67
N GLN A 311 -3.34 8.11 8.04
CA GLN A 311 -4.24 6.92 8.01
C GLN A 311 -3.43 5.68 7.65
N ASP A 312 -3.88 4.54 8.16
CA ASP A 312 -3.43 3.19 7.73
C ASP A 312 -3.54 3.15 6.20
N GLY A 313 -2.50 2.65 5.53
CA GLY A 313 -2.47 2.45 4.07
C GLY A 313 -2.77 0.99 3.71
N LEU A 314 -1.75 0.22 3.35
CA LEU A 314 -1.87 -1.24 3.01
C LEU A 314 -1.94 -2.08 4.30
N TRP A 315 -2.82 -3.09 4.30
CA TRP A 315 -2.96 -4.08 5.39
C TRP A 315 -2.44 -5.43 4.89
N LEU A 316 -1.67 -6.15 5.72
CA LEU A 316 -1.17 -7.51 5.36
C LEU A 316 -1.75 -8.58 6.28
N ARG A 317 -2.17 -9.68 5.68
CA ARG A 317 -2.32 -10.98 6.38
C ARG A 317 -1.20 -11.90 5.89
N ILE A 318 -0.31 -12.25 6.83
CA ILE A 318 0.75 -13.29 6.63
C ILE A 318 0.03 -14.66 6.54
N MET A 319 0.01 -15.24 5.34
CA MET A 319 -0.71 -16.51 5.07
C MET A 319 0.13 -17.70 5.55
N ASN A 320 1.45 -17.58 5.44
CA ASN A 320 2.43 -18.63 5.81
C ASN A 320 3.62 -17.98 6.54
N VAL A 321 3.71 -18.15 7.87
CA VAL A 321 4.65 -17.42 8.76
C VAL A 321 6.10 -17.75 8.37
N PRO A 322 6.52 -19.03 8.34
CA PRO A 322 7.90 -19.33 7.96
C PRO A 322 8.26 -18.81 6.55
N ALA A 323 7.39 -19.01 5.55
CA ALA A 323 7.68 -18.65 4.15
C ALA A 323 8.01 -17.16 4.08
N ALA A 324 7.21 -16.35 4.79
CA ALA A 324 7.24 -14.88 4.75
C ALA A 324 8.45 -14.36 5.53
N LEU A 325 8.60 -14.75 6.80
CA LEU A 325 9.78 -14.35 7.62
C LEU A 325 11.07 -14.72 6.86
N GLU A 326 11.09 -15.81 6.10
CA GLU A 326 12.34 -16.25 5.42
C GLU A 326 12.56 -15.42 4.17
N ALA A 327 11.51 -14.90 3.53
CA ALA A 327 11.64 -14.22 2.21
C ALA A 327 12.30 -12.84 2.37
N ARG A 328 12.04 -12.11 3.45
CA ARG A 328 12.44 -10.69 3.54
C ARG A 328 13.87 -10.59 4.05
N GLY A 329 14.55 -9.49 3.73
CA GLY A 329 15.84 -9.09 4.32
C GLY A 329 15.63 -8.50 5.71
N TYR A 330 16.67 -8.50 6.54
CA TYR A 330 16.67 -7.92 7.91
C TYR A 330 17.90 -7.03 8.04
N ALA A 331 17.90 -6.12 9.01
CA ALA A 331 19.01 -5.17 9.23
C ALA A 331 20.29 -5.98 9.46
N HIS A 332 21.35 -5.68 8.70
CA HIS A 332 22.72 -6.23 8.91
C HIS A 332 23.28 -5.69 10.23
N GLU A 333 22.80 -4.55 10.73
CA GLU A 333 23.47 -3.82 11.84
C GLU A 333 23.11 -4.42 13.20
N VAL A 334 22.24 -5.43 13.25
CA VAL A 334 21.96 -6.17 14.51
C VAL A 334 22.69 -7.52 14.44
N GLY A 335 23.39 -7.88 15.52
CA GLY A 335 24.16 -9.13 15.56
C GLY A 335 23.24 -10.31 15.37
N GLU A 336 23.78 -11.51 15.15
CA GLU A 336 22.97 -12.75 15.07
C GLU A 336 22.34 -13.03 16.45
N PHE A 337 21.11 -13.54 16.44
CA PHE A 337 20.29 -13.87 17.64
C PHE A 337 19.18 -14.87 17.25
N SER A 338 18.66 -15.59 18.25
CA SER A 338 17.69 -16.71 18.08
C SER A 338 16.52 -16.55 19.04
N THR A 339 15.35 -17.01 18.70
CA THR A 339 14.23 -16.99 19.66
C THR A 339 13.15 -17.97 19.21
N VAL A 340 12.09 -18.04 20.01
CA VAL A 340 10.86 -18.81 19.70
C VAL A 340 9.69 -17.82 19.69
N LEU A 341 9.10 -17.71 18.51
CA LEU A 341 7.91 -16.88 18.21
C LEU A 341 6.70 -17.80 18.10
N GLU A 342 5.63 -17.47 18.85
CA GLU A 342 4.30 -18.08 18.71
C GLU A 342 3.36 -17.08 18.04
N VAL A 343 2.62 -17.52 17.04
CA VAL A 343 1.55 -16.71 16.41
C VAL A 343 0.24 -17.37 16.85
N SER A 344 -0.60 -16.68 17.62
CA SER A 344 -1.90 -17.21 18.10
C SER A 344 -2.58 -17.94 16.94
N ASP A 345 -2.68 -19.26 17.04
CA ASP A 345 -3.39 -20.12 16.04
C ASP A 345 -2.76 -19.96 14.64
N GLY A 346 -1.45 -19.75 14.54
CA GLY A 346 -0.74 -19.67 13.24
C GLY A 346 0.65 -20.29 13.28
N GLY A 347 1.01 -21.01 14.36
CA GLY A 347 2.25 -21.79 14.52
C GLY A 347 3.16 -21.28 15.65
N ARG A 348 4.17 -22.10 15.99
CA ARG A 348 5.30 -21.72 16.87
C ARG A 348 6.61 -22.12 16.18
N PHE A 349 7.60 -21.23 16.20
CA PHE A 349 8.81 -21.34 15.34
C PHE A 349 10.07 -20.92 16.09
N ALA A 350 11.09 -21.75 15.97
CA ALA A 350 12.50 -21.34 16.10
C ALA A 350 12.79 -20.30 15.01
N LEU A 351 12.94 -19.06 15.43
CA LEU A 351 13.36 -17.94 14.58
C LEU A 351 14.81 -17.62 14.89
N LYS A 352 15.69 -17.70 13.89
CA LYS A 352 17.12 -17.34 13.99
C LYS A 352 17.40 -16.31 12.89
N ILE A 353 17.98 -15.18 13.27
CA ILE A 353 18.24 -14.01 12.38
C ILE A 353 19.71 -13.62 12.52
N GLY A 354 20.44 -13.65 11.42
CA GLY A 354 21.75 -12.99 11.31
C GLY A 354 22.11 -12.86 9.86
N ASP A 355 22.95 -11.88 9.53
CA ASP A 355 23.45 -11.61 8.16
C ASP A 355 22.28 -11.13 7.30
N GLY A 356 21.29 -10.50 7.95
CA GLY A 356 20.06 -10.02 7.30
C GLY A 356 19.27 -11.14 6.63
N ARG A 357 19.51 -12.42 6.98
CA ARG A 357 18.64 -13.56 6.60
C ARG A 357 17.99 -14.09 7.88
N ALA A 358 16.83 -14.74 7.75
CA ALA A 358 16.12 -15.43 8.85
C ALA A 358 15.87 -16.89 8.46
N ARG A 359 16.18 -17.82 9.36
CA ARG A 359 15.74 -19.24 9.30
C ARG A 359 14.62 -19.41 10.34
N CYS A 360 13.49 -19.98 9.90
CA CYS A 360 12.22 -20.09 10.66
C CYS A 360 11.69 -21.53 10.55
N THR A 361 11.78 -22.32 11.64
CA THR A 361 11.47 -23.78 11.63
C THR A 361 10.55 -24.18 12.79
N PRO A 362 9.72 -25.22 12.59
CA PRO A 362 8.76 -25.65 13.62
C PRO A 362 9.47 -25.94 14.94
N THR A 363 8.75 -25.83 16.05
CA THR A 363 9.30 -26.21 17.39
C THR A 363 8.15 -26.33 18.40
N ASP A 364 8.39 -27.03 19.49
CA ASP A 364 7.48 -27.10 20.65
C ASP A 364 8.20 -26.54 21.87
N ALA A 365 9.41 -25.98 21.66
CA ALA A 365 10.17 -25.25 22.69
C ALA A 365 9.30 -24.12 23.26
N ALA A 366 9.44 -23.79 24.55
CA ALA A 366 8.66 -22.71 25.22
C ALA A 366 8.79 -21.42 24.39
N ALA A 367 7.67 -20.76 24.12
CA ALA A 367 7.60 -19.48 23.38
C ALA A 367 8.25 -18.37 24.22
N GLU A 368 9.02 -17.49 23.59
CA GLU A 368 9.66 -16.30 24.23
C GLU A 368 8.91 -15.02 23.87
N ILE A 369 8.27 -15.02 22.69
CA ILE A 369 7.44 -13.90 22.20
C ILE A 369 6.16 -14.43 21.54
N GLU A 370 5.02 -13.79 21.82
CA GLU A 370 3.67 -14.13 21.33
C GLU A 370 2.99 -12.90 20.71
N MET A 371 2.17 -13.12 19.68
CA MET A 371 1.36 -12.08 19.00
C MET A 371 0.28 -12.72 18.13
N ASP A 372 -0.89 -12.08 18.00
CA ASP A 372 -1.92 -12.47 17.00
C ASP A 372 -1.30 -12.20 15.61
N ARG A 373 -1.87 -12.73 14.54
CA ARG A 373 -1.21 -12.79 13.20
C ARG A 373 -1.21 -11.41 12.52
N ASP A 374 -2.19 -10.59 12.89
CA ASP A 374 -2.36 -9.20 12.39
C ASP A 374 -1.13 -8.39 12.82
N VAL A 375 -0.64 -8.65 14.02
CA VAL A 375 0.49 -7.89 14.61
C VAL A 375 1.73 -8.11 13.74
N LEU A 376 1.97 -9.36 13.34
CA LEU A 376 3.09 -9.72 12.43
C LEU A 376 2.95 -8.93 11.11
N GLY A 377 1.77 -8.92 10.49
CA GLY A 377 1.46 -8.10 9.31
C GLY A 377 2.00 -6.67 9.44
N SER A 378 1.76 -6.01 10.58
CA SER A 378 2.15 -4.59 10.85
C SER A 378 3.69 -4.44 10.93
N LEU A 379 4.34 -5.37 11.62
CA LEU A 379 5.82 -5.41 11.75
C LEU A 379 6.50 -5.67 10.41
N TYR A 380 5.85 -6.39 9.50
CA TYR A 380 6.50 -7.12 8.39
C TYR A 380 7.19 -6.14 7.42
N LEU A 381 6.65 -4.94 7.15
CA LEU A 381 7.31 -3.95 6.25
C LEU A 381 8.09 -2.87 7.03
N GLY A 382 8.22 -3.00 8.35
CA GLY A 382 9.00 -2.05 9.17
C GLY A 382 8.27 -0.74 9.44
N ALA A 383 6.98 -0.64 9.18
CA ALA A 383 6.21 0.60 9.41
C ALA A 383 6.00 0.83 10.90
N HIS A 384 5.86 -0.23 11.69
CA HIS A 384 5.53 -0.15 13.13
C HIS A 384 6.63 -0.86 13.93
N ARG A 385 7.04 -0.25 15.05
CA ARG A 385 8.11 -0.79 15.91
C ARG A 385 7.49 -1.81 16.86
N ALA A 386 8.16 -2.94 17.12
CA ALA A 386 7.70 -3.98 18.06
C ALA A 386 7.66 -3.44 19.49
N SER A 387 8.55 -2.52 19.87
CA SER A 387 8.48 -1.73 21.12
C SER A 387 7.08 -1.14 21.29
N THR A 388 6.57 -0.50 20.24
CA THR A 388 5.30 0.26 20.22
C THR A 388 4.14 -0.73 20.43
N LEU A 389 4.19 -1.90 19.79
CA LEU A 389 3.09 -2.90 19.86
C LEU A 389 3.17 -3.66 21.17
N ALA A 390 4.40 -3.82 21.68
CA ALA A 390 4.66 -4.48 22.97
C ALA A 390 4.04 -3.65 24.10
N ALA A 391 4.22 -2.34 24.01
CA ALA A 391 3.75 -1.36 25.01
C ALA A 391 2.22 -1.42 25.13
N ALA A 392 1.52 -1.77 24.05
CA ALA A 392 0.05 -1.95 23.99
C ALA A 392 -0.32 -3.37 24.42
N ASN A 393 0.70 -4.19 24.64
CA ASN A 393 0.53 -5.64 24.94
C ASN A 393 -0.13 -6.36 23.76
N ARG A 394 0.04 -5.89 22.52
CA ARG A 394 -0.39 -6.63 21.30
C ARG A 394 0.62 -7.76 21.04
N LEU A 395 1.79 -7.60 21.64
CA LEU A 395 3.00 -8.45 21.48
C LEU A 395 3.63 -8.70 22.87
N ARG A 396 3.81 -9.96 23.26
CA ARG A 396 4.25 -10.31 24.63
C ARG A 396 5.66 -10.91 24.57
N THR A 397 6.55 -10.42 25.42
CA THR A 397 7.85 -11.05 25.75
C THR A 397 8.24 -10.59 27.15
N LYS A 398 9.02 -11.38 27.88
CA LYS A 398 9.52 -11.01 29.23
C LYS A 398 10.85 -10.26 29.07
N ASP A 399 11.55 -10.46 27.95
CA ASP A 399 12.93 -9.97 27.69
C ASP A 399 12.92 -8.71 26.80
N SER A 400 13.30 -7.55 27.34
CA SER A 400 13.24 -6.25 26.61
C SER A 400 14.47 -6.08 25.71
N GLN A 401 15.48 -6.93 25.90
CA GLN A 401 16.64 -7.03 24.97
C GLN A 401 16.20 -7.67 23.66
N LEU A 402 15.34 -8.70 23.72
CA LEU A 402 14.79 -9.39 22.53
C LEU A 402 13.89 -8.41 21.76
N LEU A 403 13.19 -7.55 22.48
CA LEU A 403 12.31 -6.49 21.91
C LEU A 403 13.20 -5.53 21.10
N ARG A 404 14.28 -5.07 21.70
CA ARG A 404 15.24 -4.17 21.02
C ARG A 404 15.77 -4.84 19.76
N ARG A 405 16.08 -6.13 19.84
CA ARG A 405 16.65 -6.91 18.71
C ARG A 405 15.63 -7.09 17.57
N LEU A 406 14.34 -7.28 17.88
CA LEU A 406 13.27 -7.33 16.86
C LEU A 406 13.06 -5.96 16.22
N ASP A 407 12.87 -4.92 17.03
CA ASP A 407 12.83 -3.52 16.55
C ASP A 407 13.91 -3.35 15.47
N ALA A 408 15.16 -3.66 15.80
CA ALA A 408 16.35 -3.37 14.97
C ALA A 408 16.30 -4.20 13.68
N ALA A 409 16.04 -5.51 13.81
CA ALA A 409 16.08 -6.47 12.68
C ALA A 409 14.98 -6.13 11.66
N PHE A 410 13.76 -5.86 12.12
CA PHE A 410 12.56 -5.70 11.25
C PHE A 410 12.52 -4.30 10.63
N ALA A 411 13.15 -3.32 11.27
CA ALA A 411 13.47 -2.01 10.68
C ALA A 411 13.80 -2.19 9.19
N SER A 412 13.28 -1.31 8.35
CA SER A 412 13.56 -1.27 6.90
C SER A 412 14.44 -0.05 6.61
N ASP A 413 15.60 -0.31 6.01
CA ASP A 413 16.63 0.72 5.76
C ASP A 413 16.00 1.73 4.79
N VAL A 414 15.52 1.27 3.64
CA VAL A 414 14.65 2.05 2.68
C VAL A 414 13.28 2.20 3.32
N PRO A 415 12.77 3.44 3.52
CA PRO A 415 11.47 3.64 4.14
C PRO A 415 10.31 3.02 3.35
N VAL A 416 9.37 2.39 4.05
CA VAL A 416 8.20 1.71 3.43
C VAL A 416 7.19 2.79 3.01
N GLN A 417 6.58 2.58 1.85
CA GLN A 417 5.66 3.48 1.12
C GLN A 417 4.42 2.68 0.67
N THR A 418 3.37 3.33 0.18
CA THR A 418 2.13 2.68 -0.32
C THR A 418 2.06 2.87 -1.82
N ALA A 419 1.79 1.83 -2.61
CA ALA A 419 1.87 1.94 -4.09
C ALA A 419 0.57 2.58 -4.59
N PHE A 420 -0.43 1.79 -4.95
CA PHE A 420 -1.75 2.29 -5.34
C PHE A 420 -2.78 1.57 -4.45
N GLU A 421 -3.94 2.19 -4.28
CA GLU A 421 -5.11 1.57 -3.61
C GLU A 421 -5.79 0.65 -4.59
N PHE A 422 -6.31 -0.47 -4.07
CA PHE A 422 -7.14 -1.45 -4.80
C PHE A 422 -8.22 -1.93 -3.83
#